data_3KH8
#
_entry.id   3KH8
#
_cell.length_a   81.458
_cell.length_b   82.614
_cell.length_c   124.228
_cell.angle_alpha   90.00
_cell.angle_beta   90.00
_cell.angle_gamma   90.00
#
_symmetry.space_group_name_H-M   'P 21 21 21'
#
loop_
_entity.id
_entity.type
_entity.pdbx_description
1 polymer 'MaoC-like dehydratase'
2 water water
#
_entity_poly.entity_id   1
_entity_poly.type   'polypeptide(L)'
_entity_poly.pdbx_seq_one_letter_code
;MGSSHHHHHHSSGLVPRGSHMASMTGGQQMGRGSMSVNVDKILNSPEATYTATYNQRDLLMYAVGIGESDLQFTYEFDEK
FSAFPLYPVCLPFKGQSQDVVPFPPETISAAPDGMPSFNPAMILHGEQSVEILRPLDPSGGTLTGKTKVISFYDKGKGTL
METQTQFEDGNGPVAKLISGSFIRGLTGYEGKGRKLPARVQIPKRQPDFNDEFKTSPHQAQVYRLSGDYNSLHIDPEIAK
SVGFKQPILHGLCSMGVASRALFKQFCGGDVARFKSIRVRFSSPCFPGETIQTRMWQEGSGKVLFQAVVKERGAVIVDGG
EFVYTQDASARL
;
_entity_poly.pdbx_strand_id   A,B
#
# COMPACT_ATOMS: atom_id res chain seq x y z
N VAL A 37 -10.31 -36.78 -15.64
CA VAL A 37 -11.28 -37.03 -16.76
C VAL A 37 -12.72 -37.20 -16.25
N ASN A 38 -12.86 -37.48 -14.95
CA ASN A 38 -14.16 -37.70 -14.33
C ASN A 38 -14.79 -36.40 -13.83
N VAL A 39 -15.69 -35.84 -14.65
CA VAL A 39 -16.35 -34.57 -14.36
C VAL A 39 -17.35 -34.70 -13.19
N ASP A 40 -18.09 -35.79 -13.17
CA ASP A 40 -19.03 -36.09 -12.08
C ASP A 40 -18.32 -36.10 -10.73
N LYS A 41 -17.08 -36.61 -10.71
CA LYS A 41 -16.26 -36.64 -9.51
C LYS A 41 -15.90 -35.21 -9.10
N ILE A 42 -15.41 -34.42 -10.06
CA ILE A 42 -15.00 -33.03 -9.84
C ILE A 42 -16.13 -32.19 -9.25
N LEU A 43 -17.32 -32.26 -9.85
CA LEU A 43 -18.48 -31.48 -9.40
C LEU A 43 -19.05 -31.97 -8.07
N ASN A 44 -18.72 -33.20 -7.70
CA ASN A 44 -19.19 -33.77 -6.44
C ASN A 44 -18.20 -33.57 -5.28
N SER A 45 -16.98 -33.15 -5.62
CA SER A 45 -15.95 -32.84 -4.62
C SER A 45 -16.53 -31.90 -3.56
N PRO A 46 -16.35 -32.23 -2.27
CA PRO A 46 -17.07 -31.50 -1.22
C PRO A 46 -16.59 -30.06 -1.11
N GLU A 47 -17.48 -29.16 -0.69
CA GLU A 47 -17.13 -27.75 -0.52
C GLU A 47 -16.10 -27.57 0.59
N ALA A 48 -15.21 -26.61 0.40
CA ALA A 48 -14.24 -26.24 1.42
C ALA A 48 -14.73 -25.01 2.15
N THR A 49 -14.57 -25.00 3.47
CA THR A 49 -14.98 -23.88 4.29
C THR A 49 -13.76 -23.26 4.98
N TYR A 50 -13.66 -21.94 4.92
CA TYR A 50 -12.57 -21.22 5.57
C TYR A 50 -13.05 -19.88 6.12
N THR A 51 -12.15 -19.18 6.79
CA THR A 51 -12.44 -17.90 7.40
C THR A 51 -11.59 -16.82 6.76
N ALA A 52 -12.19 -15.66 6.54
CA ALA A 52 -11.47 -14.51 6.01
C ALA A 52 -11.69 -13.31 6.92
N THR A 53 -10.61 -12.57 7.15
CA THR A 53 -10.65 -11.41 8.04
C THR A 53 -9.89 -10.26 7.37
N TYR A 54 -10.49 -9.07 7.46
CA TYR A 54 -9.87 -7.85 6.96
C TYR A 54 -10.06 -6.77 8.02
N ASN A 55 -9.11 -5.84 8.10
CA ASN A 55 -9.31 -4.64 8.91
C ASN A 55 -9.40 -3.38 8.04
N GLN A 56 -9.64 -2.23 8.65
CA GLN A 56 -9.72 -0.96 7.93
C GLN A 56 -8.48 -0.69 7.08
N ARG A 57 -7.31 -0.94 7.66
CA ARG A 57 -6.05 -0.71 6.97
C ARG A 57 -5.95 -1.55 5.68
N ASP A 58 -6.44 -2.78 5.71
CA ASP A 58 -6.50 -3.62 4.50
C ASP A 58 -7.34 -2.96 3.40
N LEU A 59 -8.43 -2.32 3.79
CA LEU A 59 -9.30 -1.62 2.84
C LEU A 59 -8.60 -0.44 2.18
N LEU A 60 -7.88 0.34 2.98
CA LEU A 60 -7.06 1.44 2.48
C LEU A 60 -5.96 0.96 1.55
N MET A 61 -5.27 -0.12 1.94
CA MET A 61 -4.19 -0.69 1.13
C MET A 61 -4.69 -1.18 -0.22
N TYR A 62 -5.89 -1.76 -0.23
CA TYR A 62 -6.54 -2.19 -1.48
C TYR A 62 -6.90 -0.99 -2.36
N ALA A 63 -7.52 0.02 -1.77
CA ALA A 63 -7.91 1.22 -2.51
C ALA A 63 -6.72 1.86 -3.23
N VAL A 64 -5.61 2.04 -2.51
CA VAL A 64 -4.39 2.59 -3.13
C VAL A 64 -3.79 1.61 -4.15
N GLY A 65 -3.94 0.31 -3.87
CA GLY A 65 -3.46 -0.74 -4.77
C GLY A 65 -4.11 -0.69 -6.14
N ILE A 66 -5.40 -0.34 -6.19
CA ILE A 66 -6.10 -0.22 -7.47
C ILE A 66 -6.06 1.22 -8.01
N GLY A 67 -5.33 2.09 -7.31
CA GLY A 67 -5.10 3.45 -7.79
C GLY A 67 -6.18 4.45 -7.44
N GLU A 68 -7.12 4.07 -6.59
CA GLU A 68 -8.17 4.99 -6.17
C GLU A 68 -7.63 6.02 -5.18
N SER A 69 -8.04 7.27 -5.36
CA SER A 69 -7.61 8.38 -4.51
C SER A 69 -8.76 9.08 -3.77
N ASP A 70 -9.99 8.79 -4.19
CA ASP A 70 -11.19 9.37 -3.57
C ASP A 70 -11.20 9.06 -2.07
N LEU A 71 -11.39 10.11 -1.28
CA LEU A 71 -11.40 10.01 0.19
C LEU A 71 -12.43 9.04 0.75
N GLN A 72 -13.52 8.83 0.00
CA GLN A 72 -14.52 7.82 0.35
C GLN A 72 -13.86 6.45 0.55
N PHE A 73 -12.78 6.19 -0.18
CA PHE A 73 -12.08 4.91 -0.13
C PHE A 73 -10.67 4.94 0.49
N THR A 74 -10.09 6.14 0.60
CA THR A 74 -8.70 6.27 1.07
C THR A 74 -8.55 6.93 2.44
N TYR A 75 -9.65 7.47 2.98
CA TYR A 75 -9.60 8.15 4.26
C TYR A 75 -10.65 7.61 5.23
N GLU A 76 -10.18 6.94 6.27
CA GLU A 76 -11.03 6.25 7.25
C GLU A 76 -12.09 7.11 7.92
N PHE A 77 -11.86 8.42 8.01
CA PHE A 77 -12.82 9.34 8.63
C PHE A 77 -13.62 10.17 7.64
N ASP A 78 -13.59 9.77 6.37
CA ASP A 78 -14.51 10.33 5.39
C ASP A 78 -15.91 9.99 5.88
N GLU A 79 -16.84 10.93 5.71
CA GLU A 79 -18.19 10.76 6.24
C GLU A 79 -18.96 9.63 5.56
N LYS A 80 -18.51 9.24 4.37
CA LYS A 80 -19.07 8.07 3.69
C LYS A 80 -18.00 7.00 3.44
N PHE A 81 -17.02 6.89 4.35
CA PHE A 81 -15.96 5.89 4.19
C PHE A 81 -16.56 4.50 3.97
N SER A 82 -16.07 3.82 2.94
CA SER A 82 -16.59 2.52 2.54
C SER A 82 -15.46 1.63 2.04
N ALA A 83 -15.67 0.32 2.12
CA ALA A 83 -14.82 -0.62 1.40
C ALA A 83 -15.07 -0.40 -0.09
N PHE A 84 -14.04 -0.50 -0.91
CA PHE A 84 -14.30 -0.52 -2.35
C PHE A 84 -15.04 -1.82 -2.70
N PRO A 85 -16.13 -1.72 -3.48
CA PRO A 85 -17.04 -2.87 -3.68
C PRO A 85 -16.41 -4.15 -4.23
N LEU A 86 -15.32 -4.04 -4.97
CA LEU A 86 -14.65 -5.22 -5.53
C LEU A 86 -13.74 -5.95 -4.53
N TYR A 87 -13.49 -5.34 -3.37
CA TYR A 87 -12.52 -5.91 -2.42
C TYR A 87 -12.68 -7.41 -2.09
N PRO A 88 -13.92 -7.93 -1.97
CA PRO A 88 -14.07 -9.37 -1.68
C PRO A 88 -13.25 -10.33 -2.55
N VAL A 89 -12.91 -9.95 -3.80
CA VAL A 89 -12.06 -10.81 -4.65
C VAL A 89 -10.69 -11.12 -4.05
N CYS A 90 -10.24 -10.28 -3.12
CA CYS A 90 -8.95 -10.46 -2.47
C CYS A 90 -9.00 -11.47 -1.33
N LEU A 91 -10.18 -11.66 -0.75
CA LEU A 91 -10.34 -12.47 0.47
C LEU A 91 -9.94 -13.95 0.35
N PRO A 92 -10.20 -14.59 -0.81
CA PRO A 92 -9.70 -15.97 -0.99
C PRO A 92 -8.18 -16.07 -1.03
N PHE A 93 -7.49 -14.99 -1.39
CA PHE A 93 -6.03 -14.95 -1.32
C PHE A 93 -5.58 -14.70 0.13
N LYS A 94 -6.22 -13.74 0.77
CA LYS A 94 -5.79 -13.22 2.07
C LYS A 94 -6.08 -14.17 3.23
N GLY A 95 -7.25 -14.82 3.18
CA GLY A 95 -7.76 -15.58 4.32
C GLY A 95 -7.76 -14.69 5.56
N GLN A 96 -7.13 -15.16 6.62
CA GLN A 96 -7.03 -14.40 7.87
C GLN A 96 -5.63 -13.84 8.11
N SER A 97 -4.77 -13.91 7.10
CA SER A 97 -3.40 -13.42 7.24
C SER A 97 -3.30 -11.90 7.19
N GLN A 98 -2.41 -11.35 8.02
CA GLN A 98 -2.08 -9.94 7.96
C GLN A 98 -0.67 -9.74 7.39
N ASP A 99 -0.04 -10.84 6.99
CA ASP A 99 1.32 -10.83 6.47
C ASP A 99 1.35 -11.16 4.97
N VAL A 100 2.55 -11.22 4.39
CA VAL A 100 2.74 -11.75 3.04
C VAL A 100 2.12 -13.16 2.96
N VAL A 101 1.33 -13.39 1.91
CA VAL A 101 0.73 -14.71 1.67
C VAL A 101 1.48 -15.35 0.50
N PRO A 102 2.40 -16.29 0.79
CA PRO A 102 3.12 -16.96 -0.29
C PRO A 102 2.17 -17.62 -1.30
N PHE A 103 2.48 -17.46 -2.59
CA PHE A 103 1.60 -17.92 -3.66
C PHE A 103 1.93 -19.37 -4.03
N PRO A 104 0.90 -20.22 -4.23
CA PRO A 104 -0.53 -19.90 -4.08
C PRO A 104 -1.03 -20.11 -2.65
N PRO A 105 -1.98 -19.28 -2.20
CA PRO A 105 -2.62 -19.44 -0.88
C PRO A 105 -3.27 -20.81 -0.73
N GLU A 106 -3.24 -21.37 0.49
CA GLU A 106 -3.82 -22.69 0.75
C GLU A 106 -5.29 -22.76 0.35
N THR A 107 -5.97 -21.63 0.45
CA THR A 107 -7.40 -21.53 0.17
C THR A 107 -7.75 -21.56 -1.33
N ILE A 108 -6.73 -21.59 -2.20
CA ILE A 108 -6.96 -21.66 -3.65
C ILE A 108 -6.17 -22.76 -4.36
N SER A 109 -5.16 -23.31 -3.68
CA SER A 109 -4.27 -24.30 -4.29
C SER A 109 -4.87 -25.71 -4.37
N ALA A 110 -5.87 -25.97 -3.55
CA ALA A 110 -6.49 -27.30 -3.47
C ALA A 110 -7.20 -27.69 -4.77
N ALA A 111 -6.73 -28.78 -5.38
CA ALA A 111 -7.33 -29.32 -6.59
C ALA A 111 -8.49 -30.26 -6.22
N PRO A 112 -9.62 -30.16 -6.94
CA PRO A 112 -10.77 -31.02 -6.63
C PRO A 112 -10.51 -32.49 -7.01
N ASP A 113 -11.21 -33.39 -6.33
CA ASP A 113 -11.17 -34.81 -6.67
C ASP A 113 -12.29 -35.08 -7.68
N GLY A 114 -11.94 -35.62 -8.86
CA GLY A 114 -10.57 -35.96 -9.24
C GLY A 114 -10.09 -35.13 -10.42
N MET A 115 -9.09 -34.29 -10.14
CA MET A 115 -8.50 -33.38 -11.13
C MET A 115 -7.34 -34.06 -11.85
N PRO A 116 -7.11 -33.71 -13.14
CA PRO A 116 -5.85 -34.00 -13.83
C PRO A 116 -4.64 -33.39 -13.11
N SER A 117 -3.45 -33.59 -13.68
CA SER A 117 -2.20 -33.28 -12.96
C SER A 117 -1.44 -32.03 -13.42
N PHE A 118 -1.62 -31.65 -14.69
CA PHE A 118 -0.77 -30.61 -15.32
C PHE A 118 -0.58 -29.34 -14.49
N ASN A 119 0.67 -28.85 -14.48
CA ASN A 119 1.07 -27.66 -13.73
C ASN A 119 0.45 -26.35 -14.26
N PRO A 120 0.43 -25.30 -13.41
CA PRO A 120 -0.13 -23.98 -13.75
C PRO A 120 0.43 -23.28 -15.00
N ALA A 121 1.12 -24.01 -15.87
CA ALA A 121 1.66 -23.43 -17.11
C ALA A 121 0.58 -23.19 -18.16
N MET A 122 -0.31 -24.15 -18.32
CA MET A 122 -1.39 -24.05 -19.32
C MET A 122 -2.69 -23.50 -18.72
N ILE A 123 -2.63 -23.06 -17.46
CA ILE A 123 -3.78 -22.44 -16.79
C ILE A 123 -3.68 -20.92 -16.80
N LEU A 124 -4.83 -20.26 -16.95
CA LEU A 124 -4.91 -18.81 -16.80
C LEU A 124 -6.25 -18.39 -16.20
N HIS A 125 -6.22 -17.27 -15.47
CA HIS A 125 -7.43 -16.68 -14.93
C HIS A 125 -8.18 -15.97 -16.06
N GLY A 126 -9.23 -16.63 -16.53
CA GLY A 126 -9.94 -16.19 -17.73
C GLY A 126 -11.15 -15.32 -17.48
N GLU A 127 -11.86 -15.58 -16.38
CA GLU A 127 -13.13 -14.92 -16.09
C GLU A 127 -13.29 -14.62 -14.60
N GLN A 128 -14.01 -13.53 -14.29
CA GLN A 128 -14.34 -13.21 -12.91
C GLN A 128 -15.74 -12.59 -12.81
N SER A 129 -16.51 -13.09 -11.84
CA SER A 129 -17.81 -12.54 -11.52
C SER A 129 -17.86 -12.20 -10.03
N VAL A 130 -18.43 -11.04 -9.71
CA VAL A 130 -18.62 -10.60 -8.34
C VAL A 130 -20.05 -10.12 -8.15
N GLU A 131 -20.77 -10.74 -7.23
CA GLU A 131 -22.11 -10.32 -6.87
C GLU A 131 -22.15 -9.90 -5.41
N ILE A 132 -22.56 -8.65 -5.16
CA ILE A 132 -22.57 -8.10 -3.81
C ILE A 132 -23.99 -8.12 -3.23
N LEU A 133 -24.19 -8.96 -2.22
CA LEU A 133 -25.46 -9.05 -1.51
C LEU A 133 -25.58 -7.94 -0.46
N ARG A 134 -24.49 -7.69 0.26
CA ARG A 134 -24.40 -6.62 1.25
C ARG A 134 -22.98 -6.05 1.22
N PRO A 135 -22.84 -4.72 1.26
CA PRO A 135 -21.49 -4.14 1.31
C PRO A 135 -20.77 -4.55 2.59
N LEU A 136 -19.43 -4.61 2.52
CA LEU A 136 -18.62 -4.98 3.68
C LEU A 136 -18.67 -3.88 4.74
N ASP A 137 -18.63 -4.30 6.00
CA ASP A 137 -18.49 -3.38 7.13
C ASP A 137 -17.15 -2.65 6.99
N PRO A 138 -17.19 -1.31 6.83
CA PRO A 138 -15.94 -0.57 6.61
C PRO A 138 -15.04 -0.43 7.83
N SER A 139 -15.52 -0.89 9.00
CA SER A 139 -14.69 -0.88 10.21
C SER A 139 -13.89 -2.18 10.38
N GLY A 140 -14.02 -3.09 9.42
CA GLY A 140 -13.38 -4.40 9.52
C GLY A 140 -14.41 -5.48 9.69
N GLY A 141 -14.02 -6.73 9.50
CA GLY A 141 -14.95 -7.85 9.61
C GLY A 141 -14.33 -9.22 9.44
N THR A 142 -15.10 -10.23 9.84
CA THR A 142 -14.70 -11.62 9.70
C THR A 142 -15.83 -12.35 8.98
N LEU A 143 -15.47 -13.11 7.96
CA LEU A 143 -16.44 -13.78 7.10
C LEU A 143 -16.14 -15.26 6.97
N THR A 144 -17.19 -16.05 6.79
CA THR A 144 -17.05 -17.45 6.42
C THR A 144 -17.05 -17.56 4.90
N GLY A 145 -16.02 -18.18 4.36
CA GLY A 145 -15.94 -18.47 2.92
C GLY A 145 -16.25 -19.92 2.63
N LYS A 146 -17.11 -20.14 1.64
CA LYS A 146 -17.45 -21.49 1.17
C LYS A 146 -17.13 -21.59 -0.31
N THR A 147 -16.18 -22.46 -0.65
CA THR A 147 -15.74 -22.59 -2.04
C THR A 147 -16.02 -23.96 -2.63
N LYS A 148 -16.45 -23.96 -3.90
CA LYS A 148 -16.83 -25.18 -4.60
C LYS A 148 -16.65 -25.01 -6.11
N VAL A 149 -16.11 -26.05 -6.75
CA VAL A 149 -16.05 -26.09 -8.21
C VAL A 149 -17.46 -26.38 -8.74
N ILE A 150 -17.98 -25.48 -9.57
CA ILE A 150 -19.37 -25.57 -10.05
C ILE A 150 -19.50 -25.88 -11.55
N SER A 151 -18.41 -25.76 -12.28
CA SER A 151 -18.37 -26.07 -13.71
C SER A 151 -17.03 -26.64 -14.15
N PHE A 152 -17.10 -27.58 -15.10
CA PHE A 152 -15.92 -28.11 -15.77
C PHE A 152 -16.30 -28.35 -17.23
N TYR A 153 -16.10 -27.33 -18.06
CA TYR A 153 -16.58 -27.36 -19.43
C TYR A 153 -15.49 -27.59 -20.46
N ASP A 154 -15.79 -28.40 -21.47
CA ASP A 154 -14.92 -28.58 -22.61
C ASP A 154 -15.23 -27.48 -23.64
N LYS A 155 -14.27 -26.59 -23.85
CA LYS A 155 -14.45 -25.46 -24.77
C LYS A 155 -14.01 -25.80 -26.20
N GLY A 156 -13.50 -27.01 -26.40
CA GLY A 156 -13.00 -27.43 -27.71
C GLY A 156 -11.53 -27.13 -27.86
N LYS A 157 -11.15 -25.91 -27.53
CA LYS A 157 -9.75 -25.48 -27.55
C LYS A 157 -9.12 -25.59 -26.16
N GLY A 158 -9.95 -25.82 -25.14
CA GLY A 158 -9.48 -25.99 -23.77
C GLY A 158 -10.57 -26.30 -22.75
N THR A 159 -10.25 -26.12 -21.47
CA THR A 159 -11.16 -26.39 -20.37
C THR A 159 -11.47 -25.12 -19.57
N LEU A 160 -12.74 -24.86 -19.32
CA LEU A 160 -13.12 -23.80 -18.37
C LEU A 160 -13.59 -24.38 -17.05
N MET A 161 -12.79 -24.19 -16.00
CA MET A 161 -13.16 -24.57 -14.65
C MET A 161 -13.68 -23.34 -13.89
N GLU A 162 -14.90 -23.42 -13.41
CA GLU A 162 -15.48 -22.34 -12.62
C GLU A 162 -15.51 -22.69 -11.14
N THR A 163 -14.89 -21.83 -10.33
CA THR A 163 -14.84 -22.00 -8.88
C THR A 163 -15.64 -20.88 -8.20
N GLN A 164 -16.67 -21.28 -7.47
CA GLN A 164 -17.54 -20.36 -6.76
C GLN A 164 -17.09 -20.18 -5.32
N THR A 165 -17.16 -18.94 -4.84
CA THR A 165 -16.90 -18.63 -3.44
C THR A 165 -18.07 -17.80 -2.91
N GLN A 166 -18.67 -18.30 -1.82
CA GLN A 166 -19.71 -17.57 -1.12
C GLN A 166 -19.19 -17.07 0.23
N PHE A 167 -19.30 -15.76 0.45
CA PHE A 167 -18.94 -15.17 1.73
C PHE A 167 -20.20 -14.78 2.50
N GLU A 168 -20.16 -15.06 3.80
CA GLU A 168 -21.28 -14.79 4.70
C GLU A 168 -20.78 -14.48 6.11
N ASP A 169 -21.58 -13.76 6.88
CA ASP A 169 -21.37 -13.67 8.32
C ASP A 169 -22.60 -14.21 9.06
N GLY A 170 -22.70 -13.92 10.36
CA GLY A 170 -23.84 -14.35 11.16
C GLY A 170 -25.18 -13.80 10.70
N ASN A 171 -25.15 -12.71 9.94
CA ASN A 171 -26.37 -12.08 9.40
C ASN A 171 -26.75 -12.53 7.99
N GLY A 172 -26.00 -13.48 7.45
CA GLY A 172 -26.31 -14.05 6.13
C GLY A 172 -25.28 -13.74 5.06
N PRO A 173 -25.63 -14.01 3.78
CA PRO A 173 -24.72 -13.85 2.64
C PRO A 173 -24.27 -12.41 2.45
N VAL A 174 -23.01 -12.21 2.08
CA VAL A 174 -22.51 -10.86 1.77
C VAL A 174 -22.03 -10.72 0.32
N ALA A 175 -21.34 -11.75 -0.19
CA ALA A 175 -20.82 -11.74 -1.56
C ALA A 175 -20.71 -13.13 -2.17
N LYS A 176 -20.95 -13.19 -3.48
CA LYS A 176 -20.77 -14.42 -4.25
C LYS A 176 -19.79 -14.14 -5.39
N LEU A 177 -18.72 -14.93 -5.44
CA LEU A 177 -17.70 -14.79 -6.47
C LEU A 177 -17.66 -16.04 -7.32
N ILE A 178 -17.51 -15.87 -8.64
CA ILE A 178 -17.22 -16.99 -9.52
C ILE A 178 -15.97 -16.68 -10.33
N SER A 179 -14.96 -17.53 -10.15
CA SER A 179 -13.69 -17.41 -10.86
C SER A 179 -13.62 -18.46 -11.97
N GLY A 180 -13.26 -18.03 -13.17
CA GLY A 180 -13.09 -18.93 -14.30
C GLY A 180 -11.64 -19.13 -14.67
N SER A 181 -11.17 -20.38 -14.55
CA SER A 181 -9.82 -20.75 -14.98
C SER A 181 -9.87 -21.49 -16.30
N PHE A 182 -8.98 -21.13 -17.22
CA PHE A 182 -8.92 -21.81 -18.51
C PHE A 182 -7.67 -22.68 -18.62
N ILE A 183 -7.88 -23.95 -18.94
CA ILE A 183 -6.80 -24.91 -19.15
C ILE A 183 -6.77 -25.26 -20.63
N ARG A 184 -5.87 -24.61 -21.37
CA ARG A 184 -5.77 -24.81 -22.82
C ARG A 184 -5.22 -26.19 -23.17
N GLY A 185 -5.85 -26.83 -24.15
CA GLY A 185 -5.44 -28.17 -24.59
C GLY A 185 -6.32 -29.27 -24.02
N LEU A 186 -6.56 -29.21 -22.71
CA LEU A 186 -7.35 -30.22 -22.00
C LEU A 186 -8.77 -30.31 -22.55
N THR A 187 -8.97 -31.28 -23.45
CA THR A 187 -10.25 -31.45 -24.15
C THR A 187 -10.63 -32.93 -24.29
N GLY A 188 -11.62 -33.21 -25.14
CA GLY A 188 -11.98 -34.58 -25.51
C GLY A 188 -12.95 -35.30 -24.58
N TYR A 189 -13.52 -34.57 -23.63
CA TYR A 189 -14.43 -35.15 -22.64
C TYR A 189 -15.81 -34.51 -22.68
N GLU A 190 -16.76 -35.12 -21.99
CA GLU A 190 -18.10 -34.56 -21.81
C GLU A 190 -18.08 -33.59 -20.64
N GLY A 191 -18.45 -32.33 -20.93
CA GLY A 191 -18.44 -31.27 -19.93
C GLY A 191 -19.76 -31.07 -19.21
N LYS A 192 -19.68 -30.66 -17.95
CA LYS A 192 -20.86 -30.36 -17.14
C LYS A 192 -20.60 -29.13 -16.26
N GLY A 193 -21.67 -28.48 -15.83
CA GLY A 193 -21.57 -27.33 -14.94
C GLY A 193 -22.88 -26.60 -14.72
N ARG A 194 -22.80 -25.42 -14.13
CA ARG A 194 -23.97 -24.56 -13.92
C ARG A 194 -24.48 -24.03 -15.25
N LYS A 195 -25.76 -23.67 -15.27
CA LYS A 195 -26.34 -22.97 -16.40
C LYS A 195 -25.69 -21.59 -16.49
N LEU A 196 -24.95 -21.36 -17.58
CA LEU A 196 -24.21 -20.11 -17.76
C LEU A 196 -25.13 -18.96 -18.14
N PRO A 197 -24.86 -17.74 -17.63
CA PRO A 197 -25.61 -16.57 -18.06
C PRO A 197 -25.33 -16.24 -19.52
N ALA A 198 -26.18 -15.41 -20.12
CA ALA A 198 -26.03 -14.99 -21.51
C ALA A 198 -24.65 -14.38 -21.77
N ARG A 199 -24.08 -14.71 -22.92
CA ARG A 199 -22.82 -14.10 -23.38
C ARG A 199 -23.01 -12.60 -23.57
N VAL A 200 -22.08 -11.82 -23.03
CA VAL A 200 -22.12 -10.37 -23.16
C VAL A 200 -21.75 -9.95 -24.57
N GLN A 201 -22.66 -9.22 -25.22
CA GLN A 201 -22.40 -8.67 -26.54
C GLN A 201 -22.10 -7.18 -26.40
N ILE A 202 -20.83 -6.80 -26.57
CA ILE A 202 -20.42 -5.41 -26.52
C ILE A 202 -21.03 -4.68 -27.72
N PRO A 203 -21.77 -3.59 -27.48
CA PRO A 203 -22.43 -2.85 -28.57
C PRO A 203 -21.44 -2.27 -29.56
N LYS A 204 -21.84 -2.20 -30.83
CA LYS A 204 -20.97 -1.71 -31.90
C LYS A 204 -20.95 -0.18 -31.97
N ARG A 205 -21.94 0.45 -31.34
CA ARG A 205 -22.02 1.90 -31.27
C ARG A 205 -20.87 2.48 -30.45
N GLN A 206 -20.66 3.78 -30.61
CA GLN A 206 -19.69 4.53 -29.82
C GLN A 206 -20.01 4.37 -28.33
N PRO A 207 -18.97 4.25 -27.47
CA PRO A 207 -19.25 4.18 -26.03
C PRO A 207 -19.99 5.44 -25.56
N ASP A 208 -20.88 5.27 -24.59
CA ASP A 208 -21.62 6.38 -24.00
C ASP A 208 -20.73 7.21 -23.09
N PHE A 209 -19.84 6.55 -22.36
CA PHE A 209 -18.94 7.21 -21.43
C PHE A 209 -17.54 6.59 -21.49
N ASN A 210 -16.53 7.42 -21.25
CA ASN A 210 -15.15 6.97 -21.22
C ASN A 210 -14.46 7.51 -19.98
N ASP A 211 -13.51 6.74 -19.46
CA ASP A 211 -12.66 7.16 -18.36
C ASP A 211 -11.28 6.56 -18.64
N GLU A 212 -10.25 7.17 -18.08
CA GLU A 212 -8.92 6.58 -18.18
C GLU A 212 -8.13 6.74 -16.89
N PHE A 213 -7.25 5.79 -16.65
CA PHE A 213 -6.36 5.83 -15.51
C PHE A 213 -4.97 5.37 -15.93
N LYS A 214 -3.99 6.25 -15.71
CA LYS A 214 -2.60 5.94 -15.94
C LYS A 214 -2.09 5.13 -14.75
N THR A 215 -1.81 3.85 -14.96
CA THR A 215 -1.23 3.03 -13.90
C THR A 215 0.24 3.38 -13.68
N SER A 216 0.73 3.13 -12.47
CA SER A 216 2.14 3.30 -12.15
C SER A 216 2.94 2.12 -12.68
N PRO A 217 4.20 2.35 -13.11
CA PRO A 217 5.07 1.21 -13.43
C PRO A 217 5.27 0.28 -12.23
N HIS A 218 4.99 0.77 -11.03
CA HIS A 218 5.15 -0.02 -9.81
C HIS A 218 3.81 -0.43 -9.20
N GLN A 219 2.75 -0.33 -10.00
CA GLN A 219 1.39 -0.61 -9.53
C GLN A 219 1.21 -2.02 -8.96
N ALA A 220 1.84 -3.01 -9.58
CA ALA A 220 1.76 -4.40 -9.11
C ALA A 220 2.46 -4.59 -7.76
N GLN A 221 3.50 -3.80 -7.51
CA GLN A 221 4.24 -3.86 -6.23
C GLN A 221 3.35 -3.43 -5.07
N VAL A 222 2.41 -2.54 -5.36
CA VAL A 222 1.47 -2.06 -4.34
C VAL A 222 0.23 -2.97 -4.29
N TYR A 223 -0.32 -3.29 -5.46
CA TYR A 223 -1.53 -4.12 -5.52
C TYR A 223 -1.35 -5.51 -4.89
N ARG A 224 -0.18 -6.11 -5.05
CA ARG A 224 0.07 -7.46 -4.50
C ARG A 224 -0.08 -7.55 -2.97
N LEU A 225 0.00 -6.40 -2.31
CA LEU A 225 -0.08 -6.33 -0.85
C LEU A 225 -1.49 -6.61 -0.34
N SER A 226 -2.46 -6.70 -1.25
CA SER A 226 -3.83 -7.07 -0.90
C SER A 226 -4.06 -8.58 -0.94
N GLY A 227 -3.03 -9.36 -1.26
CA GLY A 227 -3.13 -10.81 -1.12
C GLY A 227 -2.51 -11.71 -2.18
N ASP A 228 -2.32 -11.18 -3.40
CA ASP A 228 -1.80 -11.99 -4.50
C ASP A 228 -0.31 -11.71 -4.76
N TYR A 229 0.54 -12.55 -4.17
CA TYR A 229 1.99 -12.35 -4.20
C TYR A 229 2.71 -13.15 -5.30
N ASN A 230 1.93 -13.70 -6.22
CA ASN A 230 2.45 -14.37 -7.42
C ASN A 230 3.65 -13.64 -8.03
N SER A 231 4.77 -14.37 -8.17
CA SER A 231 6.01 -13.81 -8.70
C SER A 231 5.89 -13.30 -10.13
N LEU A 232 4.87 -13.79 -10.85
CA LEU A 232 4.58 -13.35 -12.22
C LEU A 232 4.44 -11.83 -12.33
N HIS A 233 3.95 -11.19 -11.27
CA HIS A 233 3.66 -9.76 -11.30
C HIS A 233 4.79 -8.86 -10.80
N ILE A 234 5.92 -9.45 -10.43
CA ILE A 234 7.01 -8.67 -9.85
C ILE A 234 8.43 -9.08 -10.30
N ASP A 235 8.67 -10.38 -10.43
CA ASP A 235 9.99 -10.90 -10.80
C ASP A 235 10.14 -10.95 -12.31
N PRO A 236 10.99 -10.07 -12.88
CA PRO A 236 11.17 -10.01 -14.34
C PRO A 236 11.67 -11.32 -14.93
N GLU A 237 12.47 -12.06 -14.17
CA GLU A 237 13.01 -13.35 -14.61
C GLU A 237 11.92 -14.43 -14.75
N ILE A 238 10.98 -14.43 -13.81
CA ILE A 238 9.80 -15.31 -13.88
C ILE A 238 8.87 -14.89 -15.02
N ALA A 239 8.79 -13.58 -15.26
CA ALA A 239 7.98 -13.04 -16.35
C ALA A 239 8.58 -13.39 -17.71
N LYS A 240 9.87 -13.12 -17.88
CA LYS A 240 10.60 -13.48 -19.10
C LYS A 240 10.58 -14.99 -19.33
N SER A 241 10.55 -15.74 -18.22
CA SER A 241 10.49 -17.21 -18.24
C SER A 241 9.28 -17.75 -19.01
N VAL A 242 8.15 -17.05 -18.91
CA VAL A 242 6.91 -17.49 -19.56
C VAL A 242 6.54 -16.66 -20.80
N GLY A 243 7.47 -15.81 -21.24
CA GLY A 243 7.33 -15.14 -22.53
C GLY A 243 7.18 -13.63 -22.55
N PHE A 244 6.91 -13.03 -21.39
CA PHE A 244 6.68 -11.58 -21.30
C PHE A 244 7.99 -10.78 -21.24
N LYS A 245 7.95 -9.56 -21.77
CA LYS A 245 9.10 -8.63 -21.73
C LYS A 245 9.39 -8.13 -20.32
N GLN A 246 8.33 -8.05 -19.52
CA GLN A 246 8.40 -7.57 -18.14
C GLN A 246 7.21 -8.17 -17.37
N PRO A 247 7.22 -8.07 -16.03
CA PRO A 247 6.06 -8.56 -15.27
C PRO A 247 4.75 -7.94 -15.75
N ILE A 248 3.67 -8.70 -15.66
CA ILE A 248 2.34 -8.18 -16.00
C ILE A 248 1.57 -7.71 -14.77
N LEU A 249 0.68 -6.73 -14.94
CA LEU A 249 -0.20 -6.29 -13.87
C LEU A 249 -1.25 -7.36 -13.61
N HIS A 250 -1.63 -7.51 -12.34
CA HIS A 250 -2.70 -8.45 -11.94
C HIS A 250 -3.95 -8.14 -12.75
N GLY A 251 -4.56 -9.18 -13.32
CA GLY A 251 -5.86 -9.04 -13.99
C GLY A 251 -6.93 -8.44 -13.08
N LEU A 252 -6.92 -8.83 -11.81
CA LEU A 252 -7.89 -8.32 -10.85
C LEU A 252 -7.70 -6.84 -10.51
N CYS A 253 -6.46 -6.35 -10.64
CA CYS A 253 -6.17 -4.92 -10.49
C CYS A 253 -6.80 -4.13 -11.64
N SER A 254 -6.61 -4.62 -12.87
CA SER A 254 -7.29 -4.07 -14.06
C SER A 254 -8.80 -4.05 -13.88
N MET A 255 -9.33 -5.12 -13.30
CA MET A 255 -10.77 -5.19 -13.01
C MET A 255 -11.15 -4.12 -11.99
N GLY A 256 -10.27 -3.89 -11.01
CA GLY A 256 -10.45 -2.82 -10.03
C GLY A 256 -10.50 -1.45 -10.68
N VAL A 257 -9.59 -1.20 -11.62
CA VAL A 257 -9.53 0.07 -12.35
C VAL A 257 -10.82 0.31 -13.13
N ALA A 258 -11.31 -0.71 -13.84
CA ALA A 258 -12.61 -0.61 -14.53
C ALA A 258 -13.75 -0.36 -13.54
N SER A 259 -13.74 -1.08 -12.41
CA SER A 259 -14.75 -0.93 -11.37
C SER A 259 -14.80 0.49 -10.80
N ARG A 260 -13.63 1.12 -10.66
CA ARG A 260 -13.53 2.51 -10.20
C ARG A 260 -14.25 3.45 -11.15
N ALA A 261 -14.04 3.25 -12.46
CA ALA A 261 -14.69 4.07 -13.47
C ALA A 261 -16.21 3.88 -13.43
N LEU A 262 -16.65 2.63 -13.28
CA LEU A 262 -18.07 2.30 -13.20
C LEU A 262 -18.75 2.90 -11.97
N PHE A 263 -18.09 2.78 -10.81
CA PHE A 263 -18.61 3.36 -9.58
C PHE A 263 -18.72 4.88 -9.69
N LYS A 264 -17.69 5.51 -10.26
CA LYS A 264 -17.62 6.96 -10.40
C LYS A 264 -18.73 7.49 -11.32
N GLN A 265 -18.94 6.80 -12.43
CA GLN A 265 -19.94 7.24 -13.43
C GLN A 265 -21.39 7.00 -12.99
N PHE A 266 -21.65 5.84 -12.38
CA PHE A 266 -23.03 5.37 -12.20
C PHE A 266 -23.58 5.31 -10.76
N CYS A 267 -22.71 5.13 -9.77
CA CYS A 267 -23.19 4.77 -8.43
C CYS A 267 -23.52 5.93 -7.49
N GLY A 268 -23.27 7.17 -7.94
CA GLY A 268 -23.58 8.37 -7.15
C GLY A 268 -23.05 8.38 -5.72
N GLY A 269 -21.80 7.96 -5.55
CA GLY A 269 -21.14 7.98 -4.24
C GLY A 269 -21.66 7.00 -3.20
N ASP A 270 -22.44 6.02 -3.65
CA ASP A 270 -23.07 5.05 -2.75
C ASP A 270 -22.71 3.61 -3.12
N VAL A 271 -21.88 2.97 -2.29
CA VAL A 271 -21.43 1.60 -2.54
C VAL A 271 -22.58 0.58 -2.57
N ALA A 272 -23.67 0.88 -1.87
CA ALA A 272 -24.83 -0.01 -1.84
C ALA A 272 -25.47 -0.16 -3.23
N ARG A 273 -25.18 0.79 -4.11
CA ARG A 273 -25.70 0.75 -5.49
C ARG A 273 -24.90 -0.18 -6.44
N PHE A 274 -23.70 -0.58 -6.01
CA PHE A 274 -22.82 -1.45 -6.80
C PHE A 274 -23.25 -2.90 -6.60
N LYS A 275 -23.96 -3.47 -7.58
CA LYS A 275 -24.61 -4.77 -7.39
C LYS A 275 -23.85 -5.99 -7.90
N SER A 276 -23.46 -5.96 -9.17
CA SER A 276 -22.69 -7.07 -9.74
C SER A 276 -21.80 -6.63 -10.89
N ILE A 277 -20.79 -7.44 -11.14
CA ILE A 277 -19.83 -7.19 -12.21
C ILE A 277 -19.24 -8.52 -12.66
N ARG A 278 -19.20 -8.73 -13.96
CA ARG A 278 -18.53 -9.90 -14.54
C ARG A 278 -17.73 -9.51 -15.78
N VAL A 279 -16.58 -10.16 -15.97
CA VAL A 279 -15.65 -9.81 -17.03
C VAL A 279 -14.94 -11.05 -17.53
N ARG A 280 -14.30 -10.93 -18.68
CA ARG A 280 -13.25 -11.88 -19.03
C ARG A 280 -11.94 -11.14 -19.28
N PHE A 281 -10.83 -11.81 -18.98
CA PHE A 281 -9.52 -11.23 -19.19
C PHE A 281 -9.00 -11.70 -20.54
N SER A 282 -8.83 -10.76 -21.46
CA SER A 282 -8.62 -11.10 -22.86
C SER A 282 -7.16 -11.00 -23.30
N SER A 283 -6.41 -10.08 -22.68
CA SER A 283 -4.98 -9.93 -22.96
C SER A 283 -4.30 -9.23 -21.78
N PRO A 284 -2.95 -9.34 -21.68
CA PRO A 284 -2.30 -8.81 -20.50
C PRO A 284 -2.07 -7.30 -20.53
N CYS A 285 -1.97 -6.73 -19.34
CA CYS A 285 -1.65 -5.32 -19.15
C CYS A 285 -0.28 -5.23 -18.48
N PHE A 286 0.49 -4.20 -18.83
CA PHE A 286 1.78 -3.98 -18.19
C PHE A 286 1.72 -2.77 -17.27
N PRO A 287 2.25 -2.91 -16.05
CA PRO A 287 2.23 -1.78 -15.12
C PRO A 287 2.89 -0.57 -15.77
N GLY A 288 2.26 0.58 -15.67
CA GLY A 288 2.73 1.78 -16.37
C GLY A 288 1.85 2.18 -17.55
N GLU A 289 1.07 1.23 -18.05
CA GLU A 289 0.18 1.49 -19.17
C GLU A 289 -1.11 2.18 -18.71
N THR A 290 -1.73 2.90 -19.65
CA THR A 290 -2.98 3.62 -19.38
C THR A 290 -4.18 2.73 -19.68
N ILE A 291 -5.04 2.56 -18.67
CA ILE A 291 -6.25 1.75 -18.83
C ILE A 291 -7.46 2.63 -19.09
N GLN A 292 -8.04 2.47 -20.27
CA GLN A 292 -9.26 3.18 -20.66
C GLN A 292 -10.46 2.28 -20.42
N THR A 293 -11.47 2.80 -19.72
CA THR A 293 -12.72 2.06 -19.54
C THR A 293 -13.80 2.64 -20.46
N ARG A 294 -14.27 1.82 -21.40
CA ARG A 294 -15.35 2.19 -22.32
C ARG A 294 -16.67 1.70 -21.76
N MET A 295 -17.64 2.60 -21.63
CA MET A 295 -18.91 2.24 -20.98
C MET A 295 -20.15 2.50 -21.85
N TRP A 296 -21.01 1.50 -21.93
CA TRP A 296 -22.26 1.58 -22.69
C TRP A 296 -23.45 1.41 -21.76
N GLN A 297 -24.24 2.47 -21.61
CA GLN A 297 -25.49 2.45 -20.86
C GLN A 297 -26.52 1.65 -21.65
N GLU A 298 -27.06 0.59 -21.04
CA GLU A 298 -28.07 -0.23 -21.69
C GLU A 298 -29.45 -0.09 -21.04
N GLY A 299 -29.54 0.76 -20.03
CA GLY A 299 -30.81 0.99 -19.32
C GLY A 299 -31.11 -0.12 -18.34
N SER A 300 -32.14 0.11 -17.51
CA SER A 300 -32.58 -0.85 -16.49
C SER A 300 -31.46 -1.22 -15.50
N GLY A 301 -30.52 -0.29 -15.30
CA GLY A 301 -29.41 -0.49 -14.36
C GLY A 301 -28.33 -1.42 -14.85
N LYS A 302 -28.19 -1.54 -16.17
CA LYS A 302 -27.16 -2.41 -16.76
C LYS A 302 -26.20 -1.63 -17.65
N VAL A 303 -24.91 -1.83 -17.39
CA VAL A 303 -23.86 -1.18 -18.18
C VAL A 303 -22.89 -2.21 -18.73
N LEU A 304 -22.68 -2.16 -20.05
CA LEU A 304 -21.69 -3.00 -20.69
C LEU A 304 -20.40 -2.21 -20.82
N PHE A 305 -19.26 -2.90 -20.74
CA PHE A 305 -17.98 -2.20 -20.73
C PHE A 305 -16.79 -3.04 -21.18
N GLN A 306 -15.73 -2.34 -21.55
CA GLN A 306 -14.43 -2.93 -21.83
C GLN A 306 -13.36 -2.07 -21.17
N ALA A 307 -12.23 -2.69 -20.83
CA ALA A 307 -11.04 -1.93 -20.46
C ALA A 307 -9.96 -2.18 -21.50
N VAL A 308 -9.31 -1.09 -21.92
CA VAL A 308 -8.39 -1.13 -23.05
C VAL A 308 -7.08 -0.43 -22.66
N VAL A 309 -5.95 -1.00 -23.07
CA VAL A 309 -4.67 -0.31 -22.93
C VAL A 309 -4.55 0.74 -24.03
N LYS A 310 -4.51 1.99 -23.62
CA LYS A 310 -4.47 3.14 -24.53
C LYS A 310 -3.28 3.10 -25.48
N GLU A 311 -2.11 2.74 -24.95
CA GLU A 311 -0.86 2.79 -25.71
C GLU A 311 -0.79 1.78 -26.85
N ARG A 312 -1.56 0.69 -26.74
CA ARG A 312 -1.50 -0.40 -27.70
C ARG A 312 -2.84 -0.71 -28.36
N GLY A 313 -3.89 -0.04 -27.90
CA GLY A 313 -5.25 -0.28 -28.38
C GLY A 313 -5.74 -1.71 -28.13
N ALA A 314 -5.16 -2.38 -27.14
CA ALA A 314 -5.49 -3.77 -26.85
C ALA A 314 -6.53 -3.87 -25.74
N VAL A 315 -7.61 -4.61 -26.01
CA VAL A 315 -8.61 -4.87 -24.98
C VAL A 315 -8.04 -5.85 -23.96
N ILE A 316 -8.06 -5.46 -22.68
CA ILE A 316 -7.52 -6.32 -21.62
C ILE A 316 -8.63 -6.94 -20.76
N VAL A 317 -9.76 -6.24 -20.66
CA VAL A 317 -10.93 -6.72 -19.96
C VAL A 317 -12.09 -6.59 -20.95
N ASP A 318 -12.70 -7.73 -21.29
CA ASP A 318 -13.72 -7.78 -22.32
C ASP A 318 -15.01 -8.37 -21.77
N GLY A 319 -16.11 -8.20 -22.52
CA GLY A 319 -17.40 -8.75 -22.17
C GLY A 319 -17.90 -8.32 -20.79
N GLY A 320 -17.64 -7.08 -20.44
CA GLY A 320 -17.99 -6.56 -19.12
C GLY A 320 -19.46 -6.25 -18.97
N GLU A 321 -20.06 -6.76 -17.90
CA GLU A 321 -21.44 -6.44 -17.55
C GLU A 321 -21.51 -5.96 -16.10
N PHE A 322 -21.99 -4.73 -15.92
CA PHE A 322 -22.11 -4.12 -14.61
C PHE A 322 -23.58 -3.86 -14.30
N VAL A 323 -24.01 -4.27 -13.12
CA VAL A 323 -25.38 -4.01 -12.67
C VAL A 323 -25.36 -3.12 -11.43
N TYR A 324 -26.12 -2.02 -11.50
CA TYR A 324 -26.23 -1.08 -10.39
C TYR A 324 -27.69 -0.71 -10.12
N THR A 325 -27.94 -0.20 -8.92
CA THR A 325 -29.25 0.33 -8.54
C THR A 325 -29.49 1.68 -9.23
N GLN A 326 -30.56 1.76 -10.02
CA GLN A 326 -30.91 2.95 -10.80
C GLN A 326 -31.21 4.19 -9.97
N ASP A 327 -31.02 5.36 -10.58
CA ASP A 327 -31.26 6.66 -9.94
C ASP A 327 -32.65 6.77 -9.27
N ALA A 328 -33.67 6.30 -9.98
CA ALA A 328 -35.05 6.34 -9.48
C ALA A 328 -35.29 5.44 -8.27
N SER A 329 -34.29 4.59 -7.96
CA SER A 329 -34.37 3.66 -6.83
C SER A 329 -33.42 4.03 -5.71
N ALA A 330 -32.66 5.12 -5.88
CA ALA A 330 -31.76 5.62 -4.85
C ALA A 330 -32.56 6.34 -3.76
N ARG A 331 -32.80 5.64 -2.65
CA ARG A 331 -33.65 6.14 -1.57
C ARG A 331 -32.95 7.22 -0.74
N VAL B 37 6.73 25.89 34.76
CA VAL B 37 7.23 24.57 34.25
C VAL B 37 8.51 24.13 34.95
N ASN B 38 8.48 22.91 35.50
CA ASN B 38 9.64 22.29 36.15
C ASN B 38 10.31 21.27 35.23
N VAL B 39 11.48 21.64 34.70
CA VAL B 39 12.23 20.81 33.76
C VAL B 39 12.87 19.60 34.47
N ASP B 40 13.30 19.79 35.72
CA ASP B 40 13.85 18.69 36.52
C ASP B 40 12.88 17.53 36.63
N LYS B 41 11.60 17.84 36.85
CA LYS B 41 10.55 16.84 36.97
C LYS B 41 10.24 16.16 35.64
N ILE B 42 10.33 16.92 34.55
CA ILE B 42 10.16 16.38 33.20
C ILE B 42 11.27 15.38 32.87
N LEU B 43 12.52 15.76 33.16
CA LEU B 43 13.68 14.95 32.81
C LEU B 43 13.94 13.78 33.77
N ASN B 44 13.29 13.80 34.92
CA ASN B 44 13.40 12.72 35.89
C ASN B 44 12.22 11.77 35.84
N SER B 45 11.19 12.17 35.11
CA SER B 45 10.04 11.32 34.83
C SER B 45 10.53 10.01 34.20
N PRO B 46 10.07 8.87 34.72
CA PRO B 46 10.58 7.58 34.24
C PRO B 46 10.24 7.32 32.77
N GLU B 47 11.15 6.65 32.07
CA GLU B 47 10.94 6.23 30.69
C GLU B 47 9.64 5.42 30.54
N ALA B 48 8.99 5.54 29.39
CA ALA B 48 7.86 4.68 29.07
C ALA B 48 8.34 3.49 28.27
N THR B 49 7.81 2.31 28.60
CA THR B 49 8.21 1.08 27.96
C THR B 49 7.04 0.47 27.20
N TYR B 50 7.28 0.06 25.96
CA TYR B 50 6.22 -0.54 25.15
C TYR B 50 6.75 -1.55 24.13
N THR B 51 5.83 -2.23 23.46
CA THR B 51 6.18 -3.23 22.46
C THR B 51 5.73 -2.79 21.07
N ALA B 52 6.62 -2.97 20.10
CA ALA B 52 6.32 -2.67 18.71
C ALA B 52 6.57 -3.91 17.87
N THR B 53 5.72 -4.12 16.86
CA THR B 53 5.86 -5.28 15.98
C THR B 53 5.71 -4.85 14.52
N TYR B 54 6.36 -5.60 13.63
CA TYR B 54 6.26 -5.41 12.19
C TYR B 54 6.35 -6.78 11.52
N ASN B 55 5.58 -6.98 10.45
CA ASN B 55 5.75 -8.16 9.62
C ASN B 55 6.34 -7.78 8.25
N GLN B 56 6.56 -8.78 7.38
CA GLN B 56 7.15 -8.53 6.06
C GLN B 56 6.29 -7.60 5.21
N ARG B 57 4.97 -7.78 5.30
CA ARG B 57 4.01 -6.95 4.56
C ARG B 57 4.15 -5.47 4.97
N ASP B 58 4.35 -5.22 6.26
CA ASP B 58 4.59 -3.86 6.76
C ASP B 58 5.81 -3.24 6.11
N LEU B 59 6.87 -4.03 5.97
CA LEU B 59 8.11 -3.57 5.32
C LEU B 59 7.87 -3.20 3.86
N LEU B 60 7.14 -4.04 3.14
CA LEU B 60 6.80 -3.78 1.75
C LEU B 60 5.94 -2.52 1.63
N MET B 61 4.94 -2.40 2.51
CA MET B 61 4.03 -1.24 2.51
C MET B 61 4.80 0.06 2.77
N TYR B 62 5.81 -0.01 3.64
CA TYR B 62 6.67 1.13 3.92
C TYR B 62 7.52 1.51 2.70
N ALA B 63 8.15 0.50 2.08
CA ALA B 63 9.00 0.74 0.91
C ALA B 63 8.23 1.43 -0.22
N VAL B 64 7.02 0.95 -0.49
CA VAL B 64 6.19 1.58 -1.52
C VAL B 64 5.73 2.98 -1.07
N GLY B 65 5.49 3.15 0.23
CA GLY B 65 5.10 4.43 0.82
C GLY B 65 6.14 5.54 0.65
N ILE B 66 7.41 5.18 0.73
CA ILE B 66 8.48 6.15 0.49
C ILE B 66 8.91 6.20 -0.99
N GLY B 67 8.22 5.45 -1.84
CA GLY B 67 8.43 5.49 -3.29
C GLY B 67 9.57 4.64 -3.82
N GLU B 68 10.07 3.75 -2.97
CA GLU B 68 11.12 2.81 -3.39
C GLU B 68 10.53 1.68 -4.22
N SER B 69 11.24 1.29 -5.28
CA SER B 69 10.77 0.27 -6.21
C SER B 69 11.79 -0.86 -6.43
N ASP B 70 13.01 -0.66 -5.97
CA ASP B 70 14.06 -1.67 -6.04
C ASP B 70 13.59 -2.95 -5.35
N LEU B 71 13.75 -4.08 -6.05
CA LEU B 71 13.31 -5.38 -5.53
C LEU B 71 13.93 -5.78 -4.19
N GLN B 72 15.11 -5.24 -3.89
CA GLN B 72 15.71 -5.42 -2.56
C GLN B 72 14.76 -5.03 -1.43
N PHE B 73 13.88 -4.07 -1.69
CA PHE B 73 12.95 -3.59 -0.66
C PHE B 73 11.48 -3.88 -0.95
N THR B 74 11.16 -4.25 -2.20
CA THR B 74 9.76 -4.43 -2.60
C THR B 74 9.39 -5.89 -2.92
N TYR B 75 10.37 -6.78 -2.93
CA TYR B 75 10.13 -8.19 -3.24
C TYR B 75 10.75 -9.11 -2.22
N GLU B 76 9.88 -9.77 -1.45
CA GLU B 76 10.29 -10.65 -0.34
C GLU B 76 11.18 -11.83 -0.75
N PHE B 77 11.17 -12.21 -2.03
CA PHE B 77 12.04 -13.30 -2.52
C PHE B 77 13.35 -12.83 -3.14
N ASP B 78 13.63 -11.53 -3.09
CA ASP B 78 14.90 -11.01 -3.61
C ASP B 78 16.05 -11.59 -2.79
N GLU B 79 17.15 -11.91 -3.47
CA GLU B 79 18.34 -12.49 -2.83
C GLU B 79 18.85 -11.64 -1.67
N LYS B 80 18.66 -10.33 -1.77
CA LYS B 80 19.11 -9.41 -0.73
C LYS B 80 17.94 -8.64 -0.10
N PHE B 81 16.77 -9.27 -0.02
CA PHE B 81 15.61 -8.60 0.57
C PHE B 81 15.90 -8.10 1.98
N SER B 82 15.60 -6.83 2.22
CA SER B 82 15.88 -6.18 3.49
C SER B 82 14.76 -5.20 3.86
N ALA B 83 14.64 -4.88 5.15
CA ALA B 83 13.86 -3.73 5.57
C ALA B 83 14.60 -2.47 5.12
N PHE B 84 13.87 -1.46 4.68
CA PHE B 84 14.54 -0.18 4.40
C PHE B 84 15.06 0.39 5.74
N PRO B 85 16.33 0.85 5.76
CA PRO B 85 16.99 1.19 7.03
C PRO B 85 16.25 2.21 7.91
N LEU B 86 15.51 3.14 7.30
CA LEU B 86 14.82 4.18 8.06
C LEU B 86 13.55 3.69 8.76
N TYR B 87 13.07 2.50 8.40
CA TYR B 87 11.79 1.99 8.91
C TYR B 87 11.49 2.19 10.41
N PRO B 88 12.47 1.96 11.30
CA PRO B 88 12.14 2.11 12.73
C PRO B 88 11.46 3.43 13.14
N VAL B 89 11.64 4.50 12.36
CA VAL B 89 10.97 5.79 12.65
C VAL B 89 9.45 5.67 12.69
N CYS B 90 8.91 4.65 12.03
CA CYS B 90 7.48 4.40 11.98
C CYS B 90 6.94 3.70 13.23
N LEU B 91 7.81 2.98 13.93
CA LEU B 91 7.36 2.13 15.02
C LEU B 91 6.72 2.84 16.23
N PRO B 92 7.18 4.05 16.59
CA PRO B 92 6.46 4.76 17.65
C PRO B 92 5.02 5.13 17.26
N PHE B 93 4.75 5.22 15.97
CA PHE B 93 3.39 5.47 15.48
C PHE B 93 2.58 4.17 15.46
N LYS B 94 3.12 3.17 14.77
CA LYS B 94 2.44 1.89 14.54
C LYS B 94 2.31 1.08 15.84
N GLY B 95 3.36 1.10 16.65
CA GLY B 95 3.43 0.26 17.84
C GLY B 95 3.19 -1.20 17.48
N GLN B 96 2.12 -1.75 18.04
CA GLN B 96 1.81 -3.17 18.00
C GLN B 96 0.62 -3.45 17.07
N SER B 97 0.12 -2.41 16.41
CA SER B 97 -1.11 -2.54 15.64
C SER B 97 -0.88 -2.97 14.18
N GLN B 98 -1.81 -3.76 13.67
CA GLN B 98 -1.84 -4.11 12.25
C GLN B 98 -2.94 -3.36 11.51
N ASP B 99 -3.62 -2.48 12.25
CA ASP B 99 -4.78 -1.73 11.76
C ASP B 99 -4.47 -0.23 11.72
N VAL B 100 -5.44 0.55 11.26
CA VAL B 100 -5.38 2.02 11.33
C VAL B 100 -5.15 2.45 12.79
N VAL B 101 -4.19 3.35 12.98
CA VAL B 101 -3.89 3.92 14.30
C VAL B 101 -4.52 5.31 14.44
N PRO B 102 -5.41 5.50 15.43
CA PRO B 102 -6.03 6.81 15.68
C PRO B 102 -4.96 7.85 16.00
N PHE B 103 -5.08 9.05 15.43
CA PHE B 103 -4.08 10.09 15.65
C PHE B 103 -4.54 11.12 16.69
N PRO B 104 -3.68 11.46 17.68
CA PRO B 104 -2.28 11.03 17.85
C PRO B 104 -2.10 9.64 18.49
N PRO B 105 -1.01 8.92 18.14
CA PRO B 105 -0.81 7.53 18.60
C PRO B 105 -0.53 7.41 20.10
N PRO B 112 5.10 13.22 30.48
CA PRO B 112 5.96 13.32 31.65
C PRO B 112 5.30 14.11 32.79
N ASP B 113 5.99 14.19 33.93
CA ASP B 113 5.43 14.76 35.15
C ASP B 113 5.21 16.29 35.07
N GLY B 114 6.31 17.05 35.05
CA GLY B 114 6.22 18.51 35.07
C GLY B 114 5.82 19.15 33.76
N MET B 115 5.13 18.37 32.92
CA MET B 115 4.75 18.80 31.57
C MET B 115 3.57 19.78 31.59
N PRO B 116 3.73 20.95 30.96
CA PRO B 116 2.64 21.90 30.79
C PRO B 116 1.67 21.42 29.71
N ASN B 119 -1.19 23.17 24.05
CA ASN B 119 -1.85 23.32 22.76
C ASN B 119 -1.11 22.52 21.67
N PRO B 120 -1.71 21.40 21.23
CA PRO B 120 -1.12 20.51 20.21
C PRO B 120 -0.88 21.19 18.86
N ALA B 121 -1.69 22.20 18.54
CA ALA B 121 -1.60 22.92 17.27
C ALA B 121 -0.32 23.77 17.17
N MET B 122 0.36 23.94 18.29
CA MET B 122 1.58 24.75 18.35
C MET B 122 2.86 23.92 18.19
N ILE B 123 2.69 22.61 18.00
CA ILE B 123 3.83 21.68 17.92
C ILE B 123 4.23 21.40 16.47
N LEU B 124 5.51 21.64 16.17
CA LEU B 124 6.08 21.32 14.87
C LEU B 124 7.16 20.25 15.05
N HIS B 125 7.21 19.30 14.11
CA HIS B 125 8.31 18.34 14.06
C HIS B 125 9.49 19.01 13.38
N GLY B 126 10.48 19.42 14.18
CA GLY B 126 11.58 20.24 13.68
C GLY B 126 12.84 19.49 13.30
N GLU B 127 13.11 18.39 14.00
CA GLU B 127 14.34 17.62 13.82
C GLU B 127 14.08 16.12 14.00
N GLN B 128 14.85 15.31 13.28
CA GLN B 128 14.83 13.86 13.48
C GLN B 128 16.22 13.27 13.38
N SER B 129 16.54 12.38 14.31
CA SER B 129 17.77 11.62 14.28
C SER B 129 17.44 10.12 14.29
N VAL B 130 18.17 9.35 13.48
CA VAL B 130 18.00 7.89 13.43
C VAL B 130 19.36 7.20 13.40
N GLU B 131 19.62 6.39 14.42
CA GLU B 131 20.86 5.62 14.51
C GLU B 131 20.54 4.13 14.47
N ILE B 132 21.14 3.42 13.51
CA ILE B 132 20.89 1.99 13.35
C ILE B 132 22.06 1.19 13.91
N LEU B 133 21.79 0.46 14.99
CA LEU B 133 22.81 -0.38 15.61
C LEU B 133 22.94 -1.71 14.89
N ARG B 134 21.80 -2.24 14.45
CA ARG B 134 21.73 -3.53 13.75
C ARG B 134 20.51 -3.53 12.83
N PRO B 135 20.64 -4.03 11.59
CA PRO B 135 19.49 -4.09 10.68
C PRO B 135 18.34 -4.93 11.24
N LEU B 136 17.11 -4.54 10.92
CA LEU B 136 15.94 -5.30 11.32
C LEU B 136 15.87 -6.63 10.57
N ASP B 137 15.36 -7.64 11.24
CA ASP B 137 15.08 -8.94 10.64
C ASP B 137 14.03 -8.75 9.53
N PRO B 138 14.41 -8.99 8.27
CA PRO B 138 13.50 -8.75 7.16
C PRO B 138 12.35 -9.76 7.07
N SER B 139 12.36 -10.78 7.93
CA SER B 139 11.26 -11.75 7.98
C SER B 139 10.17 -11.32 8.97
N GLY B 140 10.39 -10.20 9.66
CA GLY B 140 9.45 -9.71 10.67
C GLY B 140 10.07 -9.75 12.06
N GLY B 141 9.49 -9.01 12.99
CA GLY B 141 10.03 -8.98 14.35
C GLY B 141 9.19 -8.28 15.39
N THR B 142 9.59 -8.46 16.64
CA THR B 142 8.95 -7.80 17.77
C THR B 142 10.05 -7.09 18.56
N LEU B 143 9.82 -5.83 18.89
CA LEU B 143 10.83 -5.03 19.58
C LEU B 143 10.28 -4.38 20.84
N THR B 144 11.18 -4.13 21.79
CA THR B 144 10.82 -3.37 22.98
C THR B 144 11.28 -1.92 22.77
N GLY B 145 10.34 -0.99 22.91
CA GLY B 145 10.65 0.43 22.83
C GLY B 145 10.71 1.06 24.22
N LYS B 146 11.75 1.85 24.45
CA LYS B 146 11.86 2.64 25.67
C LYS B 146 12.02 4.10 25.28
N THR B 147 11.10 4.93 25.76
CA THR B 147 11.06 6.33 25.37
C THR B 147 11.03 7.31 26.54
N LYS B 148 11.71 8.45 26.35
CA LYS B 148 11.92 9.43 27.42
C LYS B 148 12.24 10.80 26.82
N VAL B 149 11.72 11.85 27.46
CA VAL B 149 12.12 13.22 27.14
C VAL B 149 13.53 13.44 27.68
N ILE B 150 14.46 13.81 26.80
CA ILE B 150 15.86 14.01 27.17
C ILE B 150 16.31 15.47 27.15
N SER B 151 15.52 16.34 26.52
CA SER B 151 15.81 17.78 26.47
C SER B 151 14.51 18.57 26.49
N PHE B 152 14.55 19.68 27.22
CA PHE B 152 13.45 20.65 27.24
C PHE B 152 14.09 22.03 27.32
N TYR B 153 14.40 22.60 26.16
CA TYR B 153 15.13 23.86 26.11
C TYR B 153 14.28 25.06 25.71
N ASP B 154 14.47 26.16 26.42
CA ASP B 154 13.76 27.41 26.14
C ASP B 154 14.50 28.17 25.03
N LYS B 155 13.95 28.11 23.83
CA LYS B 155 14.55 28.77 22.67
C LYS B 155 14.01 30.18 22.43
N GLY B 156 13.14 30.65 23.33
CA GLY B 156 12.66 32.03 23.29
C GLY B 156 11.38 32.19 22.47
N LYS B 157 11.44 31.82 21.20
CA LYS B 157 10.25 31.79 20.36
C LYS B 157 9.41 30.55 20.69
N GLY B 158 10.02 29.58 21.38
CA GLY B 158 9.32 28.37 21.82
C GLY B 158 10.24 27.37 22.49
N THR B 159 9.75 26.15 22.68
CA THR B 159 10.50 25.10 23.34
C THR B 159 10.99 24.04 22.36
N LEU B 160 12.27 23.68 22.46
CA LEU B 160 12.75 22.46 21.84
C LEU B 160 12.63 21.31 22.83
N MET B 161 11.77 20.36 22.50
CA MET B 161 11.60 19.14 23.28
C MET B 161 12.14 17.97 22.48
N GLU B 162 13.14 17.30 23.04
CA GLU B 162 13.72 16.13 22.40
C GLU B 162 13.21 14.87 23.08
N THR B 163 12.61 13.99 22.28
CA THR B 163 12.11 12.71 22.77
C THR B 163 12.92 11.57 22.18
N GLN B 164 13.56 10.80 23.05
CA GLN B 164 14.38 9.67 22.63
C GLN B 164 13.59 8.37 22.66
N THR B 165 13.81 7.53 21.67
CA THR B 165 13.26 6.17 21.64
C THR B 165 14.38 5.20 21.31
N GLN B 166 14.55 4.19 22.17
CA GLN B 166 15.50 3.12 21.93
C GLN B 166 14.72 1.82 21.70
N PHE B 167 15.01 1.15 20.59
CA PHE B 167 14.38 -0.15 20.28
C PHE B 167 15.37 -1.29 20.46
N GLU B 168 14.92 -2.33 21.15
CA GLU B 168 15.71 -3.54 21.36
C GLU B 168 14.95 -4.78 20.89
N ASP B 169 15.66 -5.72 20.29
CA ASP B 169 15.10 -7.06 20.10
C ASP B 169 15.45 -7.93 21.32
N GLY B 170 15.39 -9.25 21.16
CA GLY B 170 15.79 -10.17 22.23
C GLY B 170 17.27 -10.08 22.59
N ASN B 171 18.10 -9.77 21.60
CA ASN B 171 19.55 -9.65 21.77
C ASN B 171 20.00 -8.35 22.43
N GLY B 172 19.41 -7.23 22.00
CA GLY B 172 19.79 -5.91 22.50
C GLY B 172 19.39 -4.80 21.54
N PRO B 173 20.07 -3.64 21.64
CA PRO B 173 19.70 -2.43 20.90
C PRO B 173 19.76 -2.64 19.38
N VAL B 174 18.71 -2.21 18.67
CA VAL B 174 18.74 -2.25 17.20
C VAL B 174 18.66 -0.85 16.57
N ALA B 175 17.99 0.07 17.24
CA ALA B 175 17.83 1.44 16.74
C ALA B 175 17.67 2.46 17.86
N LYS B 176 18.23 3.65 17.65
CA LYS B 176 18.03 4.77 18.55
C LYS B 176 17.50 5.97 17.76
N LEU B 177 16.37 6.51 18.22
CA LEU B 177 15.70 7.64 17.57
C LEU B 177 15.66 8.84 18.50
N ILE B 178 15.91 10.03 17.94
CA ILE B 178 15.67 11.26 18.67
C ILE B 178 14.82 12.19 17.82
N SER B 179 13.63 12.48 18.32
CA SER B 179 12.70 13.38 17.66
C SER B 179 12.71 14.74 18.36
N GLY B 180 12.98 15.79 17.58
CA GLY B 180 12.97 17.14 18.10
C GLY B 180 11.70 17.86 17.70
N SER B 181 10.88 18.19 18.70
CA SER B 181 9.65 18.95 18.50
C SER B 181 9.84 20.38 18.96
N PHE B 182 9.29 21.33 18.20
CA PHE B 182 9.29 22.73 18.58
C PHE B 182 7.89 23.14 18.99
N ILE B 183 7.72 23.49 20.26
CA ILE B 183 6.44 23.93 20.80
C ILE B 183 6.39 25.46 20.81
N ARG B 184 5.70 26.03 19.82
CA ARG B 184 5.64 27.47 19.62
C ARG B 184 5.00 28.19 20.80
N GLY B 185 5.68 29.24 21.29
CA GLY B 185 5.13 30.10 22.33
C GLY B 185 5.42 29.70 23.76
N LEU B 186 5.88 28.46 23.97
CA LEU B 186 6.16 27.97 25.32
C LEU B 186 7.56 28.38 25.79
N THR B 187 7.60 29.38 26.66
CA THR B 187 8.87 29.97 27.13
C THR B 187 8.79 30.47 28.58
N GLY B 188 9.89 31.02 29.07
CA GLY B 188 9.93 31.64 30.40
C GLY B 188 10.36 30.70 31.52
N TYR B 189 11.41 29.92 31.28
CA TYR B 189 11.92 28.97 32.25
C TYR B 189 13.39 28.66 32.00
N GLU B 190 14.03 27.99 32.96
CA GLU B 190 15.39 27.50 32.80
C GLU B 190 15.38 26.12 32.13
N GLY B 191 15.84 26.07 30.88
CA GLY B 191 15.87 24.83 30.11
C GLY B 191 17.03 23.92 30.46
N LYS B 192 16.80 22.61 30.34
CA LYS B 192 17.83 21.61 30.59
C LYS B 192 17.70 20.44 29.63
N GLY B 193 18.77 19.68 29.48
CA GLY B 193 18.76 18.51 28.62
C GLY B 193 20.15 17.97 28.32
N ARG B 194 20.24 17.16 27.27
CA ARG B 194 21.51 16.60 26.84
C ARG B 194 22.35 17.66 26.14
N LYS B 195 23.65 17.37 26.01
CA LYS B 195 24.52 18.19 25.18
C LYS B 195 24.06 18.05 23.74
N LEU B 196 23.64 19.16 23.13
CA LEU B 196 23.13 19.13 21.77
C LEU B 196 24.27 18.99 20.78
N PRO B 197 24.13 18.05 19.81
CA PRO B 197 25.15 17.92 18.76
C PRO B 197 25.24 19.20 17.95
N ALA B 198 26.40 19.44 17.34
CA ALA B 198 26.60 20.63 16.52
C ALA B 198 25.55 20.73 15.42
N ARG B 199 25.07 21.95 15.18
CA ARG B 199 24.19 22.23 14.06
C ARG B 199 24.96 22.00 12.77
N VAL B 200 24.36 21.22 11.86
CA VAL B 200 25.01 20.91 10.59
C VAL B 200 25.05 22.14 9.69
N GLN B 201 26.23 22.40 9.12
CA GLN B 201 26.41 23.46 8.15
C GLN B 201 26.67 22.86 6.78
N ILE B 202 25.81 23.18 5.83
CA ILE B 202 25.94 22.66 4.47
C ILE B 202 27.13 23.34 3.77
N PRO B 203 28.03 22.55 3.17
CA PRO B 203 29.21 23.11 2.51
C PRO B 203 28.87 24.15 1.44
N LYS B 204 29.68 25.20 1.38
CA LYS B 204 29.52 26.26 0.40
C LYS B 204 30.25 25.88 -0.89
N ARG B 205 29.67 24.90 -1.58
CA ARG B 205 30.14 24.44 -2.88
C ARG B 205 29.01 23.64 -3.52
N GLN B 206 29.14 23.36 -4.81
CA GLN B 206 28.14 22.55 -5.50
C GLN B 206 28.13 21.13 -4.93
N PRO B 207 26.96 20.49 -4.88
CA PRO B 207 26.88 19.10 -4.40
C PRO B 207 27.78 18.16 -5.20
N ASP B 208 28.34 17.15 -4.56
CA ASP B 208 29.11 16.12 -5.25
C ASP B 208 28.20 15.20 -6.06
N PHE B 209 27.02 14.93 -5.51
CA PHE B 209 26.05 14.06 -6.14
C PHE B 209 24.64 14.61 -5.97
N ASN B 210 23.79 14.34 -6.96
CA ASN B 210 22.38 14.71 -6.91
C ASN B 210 21.51 13.53 -7.31
N ASP B 211 20.33 13.44 -6.70
CA ASP B 211 19.30 12.47 -7.10
C ASP B 211 17.97 13.19 -7.08
N GLU B 212 17.02 12.70 -7.88
CA GLU B 212 15.67 13.28 -7.92
C GLU B 212 14.62 12.18 -7.84
N PHE B 213 13.52 12.47 -7.15
CA PHE B 213 12.37 11.59 -7.14
C PHE B 213 11.05 12.36 -7.22
N LYS B 214 10.30 12.09 -8.29
CA LYS B 214 8.99 12.68 -8.48
C LYS B 214 8.00 11.91 -7.61
N THR B 215 7.49 12.56 -6.56
CA THR B 215 6.49 11.92 -5.69
C THR B 215 5.13 11.91 -6.38
N SER B 216 4.31 10.94 -6.03
CA SER B 216 2.94 10.85 -6.53
C SER B 216 2.04 11.87 -5.81
N PRO B 217 1.05 12.44 -6.53
CA PRO B 217 0.04 13.27 -5.86
C PRO B 217 -0.67 12.52 -4.73
N HIS B 218 -0.60 11.20 -4.75
CA HIS B 218 -1.27 10.39 -3.71
C HIS B 218 -0.28 9.68 -2.78
N GLN B 219 0.95 10.18 -2.76
CA GLN B 219 2.03 9.63 -1.92
C GLN B 219 1.68 9.57 -0.43
N ALA B 220 1.06 10.63 0.08
CA ALA B 220 0.69 10.68 1.50
C ALA B 220 -0.39 9.65 1.85
N GLN B 221 -1.29 9.39 0.90
CA GLN B 221 -2.34 8.39 1.08
C GLN B 221 -1.76 6.99 1.24
N VAL B 222 -0.61 6.75 0.61
CA VAL B 222 0.09 5.47 0.70
C VAL B 222 1.02 5.44 1.91
N TYR B 223 1.77 6.52 2.12
CA TYR B 223 2.74 6.56 3.22
C TYR B 223 2.10 6.46 4.61
N ARG B 224 0.93 7.06 4.77
CA ARG B 224 0.24 7.06 6.07
C ARG B 224 -0.10 5.65 6.58
N LEU B 225 -0.15 4.68 5.66
CA LEU B 225 -0.46 3.29 6.02
C LEU B 225 0.67 2.60 6.78
N SER B 226 1.77 3.33 6.98
CA SER B 226 2.89 2.83 7.77
C SER B 226 2.82 3.27 9.24
N GLY B 227 1.77 4.00 9.63
CA GLY B 227 1.58 4.37 11.04
C GLY B 227 1.06 5.75 11.38
N ASP B 228 1.41 6.75 10.56
CA ASP B 228 0.98 8.13 10.86
C ASP B 228 -0.28 8.53 10.09
N TYR B 229 -1.43 8.45 10.76
CA TYR B 229 -2.71 8.72 10.13
C TYR B 229 -3.22 10.16 10.32
N ASN B 230 -2.33 11.05 10.79
CA ASN B 230 -2.63 12.48 10.94
C ASN B 230 -3.40 13.03 9.74
N SER B 231 -4.59 13.57 10.01
CA SER B 231 -5.50 14.05 8.97
C SER B 231 -4.92 15.21 8.14
N LEU B 232 -3.91 15.88 8.68
CA LEU B 232 -3.20 16.97 7.98
C LEU B 232 -2.63 16.52 6.63
N HIS B 233 -2.33 15.24 6.49
CA HIS B 233 -1.69 14.72 5.27
C HIS B 233 -2.67 14.13 4.27
N ILE B 234 -3.96 14.16 4.59
CA ILE B 234 -4.96 13.56 3.69
C ILE B 234 -6.25 14.40 3.51
N ASP B 235 -6.69 15.08 4.56
CA ASP B 235 -7.94 15.83 4.51
C ASP B 235 -7.69 17.30 4.15
N PRO B 236 -8.09 17.72 2.93
CA PRO B 236 -7.85 19.09 2.47
C PRO B 236 -8.45 20.17 3.37
N GLU B 237 -9.54 19.85 4.06
CA GLU B 237 -10.19 20.80 4.96
C GLU B 237 -9.36 21.05 6.22
N ILE B 238 -8.70 20.01 6.71
CA ILE B 238 -7.77 20.13 7.85
C ILE B 238 -6.53 20.93 7.44
N ALA B 239 -5.98 20.61 6.27
CA ALA B 239 -4.83 21.33 5.73
C ALA B 239 -5.15 22.83 5.54
N LYS B 240 -6.32 23.11 4.96
CA LYS B 240 -6.76 24.48 4.74
C LYS B 240 -6.90 25.27 6.05
N SER B 241 -7.38 24.60 7.09
CA SER B 241 -7.57 25.21 8.40
C SER B 241 -6.26 25.65 9.07
N VAL B 242 -5.14 25.05 8.66
CA VAL B 242 -3.83 25.43 9.20
C VAL B 242 -2.92 26.11 8.17
N GLY B 243 -3.50 26.54 7.04
CA GLY B 243 -2.81 27.39 6.07
C GLY B 243 -2.22 26.75 4.83
N PHE B 244 -2.82 25.63 4.39
CA PHE B 244 -2.34 24.95 3.18
C PHE B 244 -3.47 24.60 2.25
N LYS B 245 -3.33 24.99 0.98
CA LYS B 245 -4.37 24.76 -0.04
C LYS B 245 -4.51 23.29 -0.45
N GLN B 246 -3.54 22.48 -0.06
CA GLN B 246 -3.62 21.03 -0.23
C GLN B 246 -2.90 20.34 0.94
N PRO B 247 -3.27 19.08 1.23
CA PRO B 247 -2.56 18.35 2.30
C PRO B 247 -1.06 18.27 2.02
N ILE B 248 -0.25 18.36 3.07
CA ILE B 248 1.21 18.27 2.92
C ILE B 248 1.68 16.83 3.09
N LEU B 249 2.81 16.52 2.45
CA LEU B 249 3.44 15.21 2.59
C LEU B 249 4.11 15.10 3.96
N HIS B 250 3.99 13.94 4.60
CA HIS B 250 4.68 13.66 5.88
C HIS B 250 6.15 14.02 5.73
N GLY B 251 6.68 14.80 6.67
CA GLY B 251 8.11 15.10 6.69
C GLY B 251 8.98 13.85 6.72
N LEU B 252 8.51 12.81 7.41
CA LEU B 252 9.28 11.57 7.49
C LEU B 252 9.30 10.78 6.17
N CYS B 253 8.29 11.00 5.32
CA CYS B 253 8.32 10.43 3.97
C CYS B 253 9.41 11.12 3.15
N SER B 254 9.45 12.46 3.22
CA SER B 254 10.54 13.23 2.61
C SER B 254 11.90 12.75 3.10
N MET B 255 12.00 12.47 4.40
CA MET B 255 13.23 11.92 4.97
C MET B 255 13.56 10.55 4.38
N GLY B 256 12.53 9.74 4.15
CA GLY B 256 12.71 8.43 3.50
C GLY B 256 13.19 8.56 2.06
N VAL B 257 12.67 9.56 1.34
CA VAL B 257 13.07 9.83 -0.04
C VAL B 257 14.56 10.19 -0.10
N ALA B 258 15.00 11.10 0.76
CA ALA B 258 16.42 11.44 0.88
C ALA B 258 17.27 10.23 1.31
N SER B 259 16.74 9.41 2.22
CA SER B 259 17.44 8.20 2.66
C SER B 259 17.66 7.21 1.51
N ARG B 260 16.66 7.10 0.63
CA ARG B 260 16.77 6.27 -0.57
C ARG B 260 17.93 6.71 -1.46
N ALA B 261 18.08 8.02 -1.66
CA ALA B 261 19.17 8.56 -2.47
C ALA B 261 20.54 8.30 -1.85
N LEU B 262 20.63 8.48 -0.53
CA LEU B 262 21.86 8.25 0.21
C LEU B 262 22.28 6.77 0.18
N PHE B 263 21.31 5.89 0.39
CA PHE B 263 21.54 4.45 0.33
C PHE B 263 22.05 4.03 -1.05
N LYS B 264 21.36 4.50 -2.09
CA LYS B 264 21.70 4.16 -3.46
C LYS B 264 23.10 4.65 -3.84
N GLN B 265 23.43 5.87 -3.43
CA GLN B 265 24.71 6.47 -3.78
C GLN B 265 25.89 5.85 -3.03
N PHE B 266 25.72 5.57 -1.74
CA PHE B 266 26.86 5.27 -0.87
C PHE B 266 26.96 3.87 -0.29
N CYS B 267 25.82 3.20 -0.08
CA CYS B 267 25.80 1.97 0.71
C CYS B 267 26.07 0.67 -0.08
N GLY B 268 26.29 0.79 -1.39
CA GLY B 268 26.61 -0.38 -2.23
C GLY B 268 25.71 -1.58 -2.03
N GLY B 269 24.40 -1.32 -1.95
CA GLY B 269 23.40 -2.38 -1.84
C GLY B 269 23.39 -3.14 -0.53
N ASP B 270 24.04 -2.59 0.49
CA ASP B 270 24.17 -3.26 1.79
C ASP B 270 23.56 -2.38 2.90
N VAL B 271 22.43 -2.82 3.45
CA VAL B 271 21.73 -2.05 4.49
C VAL B 271 22.52 -1.94 5.80
N ALA B 272 23.43 -2.89 6.04
CA ALA B 272 24.26 -2.87 7.24
C ALA B 272 25.23 -1.69 7.25
N ARG B 273 25.47 -1.10 6.08
CA ARG B 273 26.36 0.05 5.93
C ARG B 273 25.70 1.40 6.28
N PHE B 274 24.37 1.41 6.32
CA PHE B 274 23.57 2.61 6.65
C PHE B 274 23.59 2.78 8.16
N LYS B 275 24.43 3.68 8.67
CA LYS B 275 24.65 3.77 10.12
C LYS B 275 23.80 4.79 10.87
N SER B 276 23.74 6.02 10.39
CA SER B 276 22.98 7.07 11.05
C SER B 276 22.60 8.19 10.11
N ILE B 277 21.56 8.92 10.49
CA ILE B 277 21.06 10.02 9.70
C ILE B 277 20.34 11.01 10.60
N ARG B 278 20.61 12.30 10.41
CA ARG B 278 19.88 13.32 11.13
C ARG B 278 19.59 14.51 10.22
N VAL B 279 18.46 15.16 10.47
CA VAL B 279 17.96 16.23 9.61
C VAL B 279 17.22 17.28 10.42
N ARG B 280 17.08 18.46 9.83
CA ARG B 280 16.14 19.48 10.28
C ARG B 280 15.06 19.58 9.19
N PHE B 281 13.80 19.67 9.61
CA PHE B 281 12.70 19.90 8.67
C PHE B 281 12.51 21.41 8.55
N SER B 282 12.69 21.93 7.34
CA SER B 282 12.78 23.37 7.16
C SER B 282 11.55 24.01 6.51
N SER B 283 10.89 23.27 5.63
CA SER B 283 9.67 23.74 4.96
C SER B 283 8.84 22.56 4.43
N PRO B 284 7.53 22.78 4.19
CA PRO B 284 6.68 21.67 3.75
C PRO B 284 6.81 21.27 2.27
N CYS B 285 6.52 19.99 2.02
CA CYS B 285 6.48 19.42 0.69
C CYS B 285 5.04 19.02 0.41
N PHE B 286 4.61 19.14 -0.86
CA PHE B 286 3.28 18.69 -1.26
C PHE B 286 3.39 17.45 -2.15
N PRO B 287 2.52 16.45 -1.92
CA PRO B 287 2.54 15.24 -2.75
C PRO B 287 2.35 15.60 -4.21
N GLY B 288 3.24 15.08 -5.05
CA GLY B 288 3.22 15.42 -6.47
C GLY B 288 4.47 16.16 -6.88
N GLU B 289 5.14 16.77 -5.91
CA GLU B 289 6.36 17.55 -6.17
C GLU B 289 7.59 16.66 -6.28
N THR B 290 8.62 17.20 -6.91
CA THR B 290 9.86 16.47 -7.13
C THR B 290 10.87 16.84 -6.05
N ILE B 291 11.33 15.82 -5.34
CA ILE B 291 12.30 16.00 -4.26
C ILE B 291 13.69 15.71 -4.80
N GLN B 292 14.54 16.73 -4.77
CA GLN B 292 15.94 16.59 -5.15
C GLN B 292 16.78 16.42 -3.89
N THR B 293 17.59 15.37 -3.85
CA THR B 293 18.53 15.20 -2.76
C THR B 293 19.93 15.62 -3.22
N ARG B 294 20.45 16.68 -2.61
CA ARG B 294 21.80 17.17 -2.89
C ARG B 294 22.75 16.58 -1.86
N MET B 295 23.86 16.00 -2.33
CA MET B 295 24.77 15.26 -1.46
C MET B 295 26.23 15.73 -1.54
N TRP B 296 26.83 15.97 -0.38
CA TRP B 296 28.22 16.40 -0.26
C TRP B 296 29.05 15.33 0.45
N GLN B 297 29.98 14.72 -0.27
CA GLN B 297 30.91 13.77 0.34
C GLN B 297 31.94 14.56 1.14
N GLU B 298 32.03 14.26 2.43
CA GLU B 298 32.93 15.00 3.33
C GLU B 298 34.10 14.14 3.82
N GLY B 299 34.12 12.87 3.38
CA GLY B 299 35.14 11.92 3.80
C GLY B 299 34.81 11.25 5.12
N SER B 300 35.57 10.20 5.44
CA SER B 300 35.43 9.46 6.70
C SER B 300 34.04 8.88 6.93
N GLY B 301 33.34 8.57 5.84
CA GLY B 301 31.99 8.01 5.90
C GLY B 301 30.92 9.02 6.26
N LYS B 302 31.21 10.30 6.04
CA LYS B 302 30.25 11.35 6.35
C LYS B 302 29.76 12.05 5.09
N VAL B 303 28.44 12.13 4.96
CA VAL B 303 27.80 12.83 3.85
C VAL B 303 26.84 13.86 4.43
N LEU B 304 26.99 15.10 3.98
CA LEU B 304 26.03 16.14 4.32
C LEU B 304 25.07 16.28 3.14
N PHE B 305 23.82 16.63 3.43
CA PHE B 305 22.78 16.64 2.40
C PHE B 305 21.62 17.58 2.68
N GLN B 306 20.91 17.95 1.61
CA GLN B 306 19.64 18.64 1.67
C GLN B 306 18.65 17.95 0.74
N ALA B 307 17.36 18.06 1.05
CA ALA B 307 16.32 17.72 0.09
C ALA B 307 15.60 19.00 -0.30
N VAL B 308 15.42 19.18 -1.59
CA VAL B 308 14.86 20.40 -2.15
C VAL B 308 13.70 20.06 -3.10
N VAL B 309 12.62 20.85 -3.04
CA VAL B 309 11.55 20.72 -4.00
C VAL B 309 11.95 21.44 -5.27
N LYS B 310 12.14 20.67 -6.34
CA LYS B 310 12.62 21.17 -7.64
C LYS B 310 11.76 22.31 -8.20
N GLU B 311 10.44 22.15 -8.06
CA GLU B 311 9.47 23.07 -8.68
C GLU B 311 9.48 24.48 -8.05
N ARG B 312 9.91 24.56 -6.79
CA ARG B 312 9.82 25.81 -6.03
C ARG B 312 11.17 26.33 -5.57
N GLY B 313 12.20 25.48 -5.64
CA GLY B 313 13.50 25.80 -5.06
C GLY B 313 13.42 25.97 -3.55
N ALA B 314 12.51 25.23 -2.91
CA ALA B 314 12.34 25.28 -1.46
C ALA B 314 13.09 24.14 -0.77
N VAL B 315 13.90 24.48 0.23
CA VAL B 315 14.60 23.48 1.01
C VAL B 315 13.64 22.87 2.05
N ILE B 316 13.37 21.57 1.93
CA ILE B 316 12.40 20.91 2.81
C ILE B 316 13.07 20.11 3.93
N VAL B 317 14.26 19.62 3.63
CA VAL B 317 15.09 18.90 4.59
C VAL B 317 16.46 19.58 4.54
N ASP B 318 16.86 20.18 5.65
CA ASP B 318 18.13 20.92 5.70
C ASP B 318 19.06 20.33 6.75
N GLY B 319 20.32 20.75 6.71
CA GLY B 319 21.33 20.31 7.67
C GLY B 319 21.40 18.80 7.82
N GLY B 320 21.28 18.09 6.70
CA GLY B 320 21.33 16.64 6.71
C GLY B 320 22.74 16.13 6.95
N GLU B 321 22.88 15.19 7.90
CA GLU B 321 24.13 14.51 8.14
C GLU B 321 23.91 13.00 8.08
N PHE B 322 24.64 12.33 7.20
CA PHE B 322 24.51 10.90 6.98
C PHE B 322 25.85 10.21 7.25
N VAL B 323 25.81 9.11 8.00
CA VAL B 323 27.01 8.32 8.27
C VAL B 323 26.81 6.90 7.76
N TYR B 324 27.79 6.42 6.99
CA TYR B 324 27.77 5.07 6.44
C TYR B 324 29.14 4.41 6.62
N THR B 325 29.18 3.09 6.51
CA THR B 325 30.44 2.33 6.60
C THR B 325 31.20 2.44 5.28
N GLN B 326 32.41 3.00 5.34
CA GLN B 326 33.27 3.21 4.18
C GLN B 326 33.62 1.91 3.45
N ASP B 327 33.86 2.03 2.13
CA ASP B 327 34.12 0.89 1.24
C ASP B 327 34.82 -0.31 1.90
N ALA B 328 34.17 -1.46 1.81
CA ALA B 328 34.64 -2.70 2.44
C ALA B 328 35.93 -3.23 1.81
#